data_1DWU
#
_entry.id   1DWU
#
_cell.length_a   67.360
_cell.length_b   69.980
_cell.length_c   106.170
_cell.angle_alpha   90.00
_cell.angle_beta   90.00
_cell.angle_gamma   90.00
#
_symmetry.space_group_name_H-M   'P 21 21 21'
#
_entity_poly.entity_id   1
_entity_poly.type   'polypeptide(L)'
_entity_poly.pdbx_seq_one_letter_code
;MDRENILKAVKEARSLAKPRNFTQSLDLIINLKELDLSRPENRLKEQVVLPNGRGKEPKIAVIAKGDLAAQAEEMGLTVI
RQDELEELGKNKKMAKKIANEHDFFIAQADMMPLVGKTLGPVLGPRGKMPQPVPANANLTPLVERLKKTVLINTRDKPLF
HVLVGNEKMSDEELAENIEAILNTVSRKYEKGLYHVKSAYTKLTMGPPAQIEK
;
_entity_poly.pdbx_strand_id   A,B
#
# COMPACT_ATOMS: atom_id res chain seq x y z
N MET A 1 -9.35 -39.17 21.74
CA MET A 1 -10.04 -38.03 21.14
C MET A 1 -11.53 -38.13 21.45
N ASP A 2 -11.73 -38.36 22.75
CA ASP A 2 -13.06 -38.44 23.30
C ASP A 2 -13.28 -37.13 24.06
N ARG A 3 -14.55 -36.70 24.09
CA ARG A 3 -14.97 -35.42 24.64
C ARG A 3 -14.32 -35.01 25.94
N GLU A 4 -14.35 -35.87 26.95
CA GLU A 4 -13.86 -35.48 28.27
C GLU A 4 -12.37 -35.16 28.28
N ASN A 5 -11.65 -35.72 27.29
CA ASN A 5 -10.22 -35.49 27.12
C ASN A 5 -9.85 -34.35 26.17
N ILE A 6 -10.80 -33.86 25.36
CA ILE A 6 -10.62 -32.63 24.57
C ILE A 6 -10.91 -31.47 25.52
N LEU A 7 -12.04 -31.55 26.25
CA LEU A 7 -12.42 -30.63 27.33
C LEU A 7 -11.27 -30.46 28.30
N LYS A 8 -10.51 -31.52 28.61
CA LYS A 8 -9.38 -31.37 29.48
C LYS A 8 -8.30 -30.54 28.80
N ALA A 9 -7.84 -30.83 27.57
CA ALA A 9 -6.76 -30.04 26.96
C ALA A 9 -7.11 -28.60 26.62
N VAL A 10 -8.40 -28.33 26.47
CA VAL A 10 -8.88 -26.97 26.23
C VAL A 10 -8.68 -26.19 27.49
N LYS A 11 -9.04 -26.80 28.65
CA LYS A 11 -8.88 -26.18 29.96
C LYS A 11 -7.42 -25.99 30.37
N GLU A 12 -6.49 -26.85 29.95
CA GLU A 12 -5.07 -26.77 30.34
C GLU A 12 -4.28 -25.77 29.51
N ALA A 13 -4.89 -25.41 28.36
CA ALA A 13 -4.33 -24.45 27.43
C ALA A 13 -4.66 -23.06 27.88
N ARG A 14 -5.88 -22.90 28.42
CA ARG A 14 -6.36 -21.63 28.95
C ARG A 14 -5.61 -21.22 30.21
N SER A 15 -5.53 -22.18 31.14
CA SER A 15 -4.88 -22.03 32.43
C SER A 15 -3.41 -21.75 32.30
N LEU A 16 -2.77 -22.32 31.29
CA LEU A 16 -1.37 -22.07 31.02
C LEU A 16 -1.12 -20.81 30.22
N ALA A 17 -2.16 -20.20 29.65
CA ALA A 17 -2.00 -18.98 28.87
C ALA A 17 -2.07 -17.70 29.68
N LYS A 18 -0.89 -17.07 29.76
CA LYS A 18 -0.70 -15.82 30.46
C LYS A 18 -1.52 -14.74 29.75
N PRO A 19 -2.45 -14.03 30.45
CA PRO A 19 -3.42 -13.09 29.88
C PRO A 19 -2.82 -11.87 29.18
N ARG A 20 -3.42 -11.55 28.05
CA ARG A 20 -2.92 -10.47 27.23
C ARG A 20 -3.95 -9.38 26.98
N ASN A 21 -3.52 -8.22 26.43
CA ASN A 21 -4.41 -7.09 26.13
C ASN A 21 -5.26 -7.13 24.84
N PHE A 22 -5.60 -8.36 24.45
CA PHE A 22 -6.45 -8.69 23.31
C PHE A 22 -7.00 -10.11 23.51
N THR A 23 -8.13 -10.45 22.87
CA THR A 23 -8.67 -11.80 22.97
C THR A 23 -7.96 -12.74 21.99
N GLN A 24 -7.11 -13.54 22.69
CA GLN A 24 -6.28 -14.58 22.10
C GLN A 24 -7.20 -15.66 21.52
N SER A 25 -6.87 -16.21 20.37
CA SER A 25 -7.70 -17.27 19.83
C SER A 25 -7.01 -18.59 20.01
N LEU A 26 -7.84 -19.61 20.16
CA LEU A 26 -7.43 -21.02 20.24
C LEU A 26 -7.23 -21.76 18.90
N ASP A 27 -5.97 -22.14 18.66
CA ASP A 27 -5.50 -22.91 17.52
C ASP A 27 -5.36 -24.43 17.80
N LEU A 28 -5.67 -25.29 16.84
CA LEU A 28 -5.55 -26.74 16.98
C LEU A 28 -4.43 -27.26 16.09
N ILE A 29 -3.39 -27.84 16.64
CA ILE A 29 -2.30 -28.37 15.82
C ILE A 29 -2.34 -29.91 15.70
N ILE A 30 -2.65 -30.42 14.50
CA ILE A 30 -2.73 -31.84 14.22
C ILE A 30 -1.48 -32.37 13.52
N ASN A 31 -0.88 -33.44 14.07
CA ASN A 31 0.28 -34.10 13.47
C ASN A 31 -0.11 -35.37 12.77
N LEU A 32 0.01 -35.39 11.45
CA LEU A 32 -0.30 -36.60 10.71
C LEU A 32 0.89 -37.58 10.66
N LYS A 33 0.53 -38.87 10.84
CA LYS A 33 1.45 -39.99 10.83
C LYS A 33 0.93 -41.02 9.82
N GLU A 34 1.89 -41.61 9.10
CA GLU A 34 1.66 -42.59 8.06
C GLU A 34 0.69 -42.15 7.00
N LEU A 35 1.21 -41.30 6.12
CA LEU A 35 0.50 -40.81 4.95
C LEU A 35 1.45 -40.30 3.88
N ASP A 36 1.06 -40.46 2.61
CA ASP A 36 1.93 -40.02 1.54
C ASP A 36 1.38 -38.76 0.90
N LEU A 37 1.93 -37.64 1.37
CA LEU A 37 1.43 -36.36 0.91
C LEU A 37 1.97 -35.93 -0.44
N SER A 38 2.68 -36.86 -1.10
CA SER A 38 3.09 -36.63 -2.47
C SER A 38 1.96 -37.10 -3.39
N ARG A 39 1.07 -37.96 -2.89
CA ARG A 39 -0.13 -38.33 -3.62
C ARG A 39 -1.20 -37.37 -3.15
N PRO A 40 -1.85 -36.61 -4.02
CA PRO A 40 -2.90 -35.67 -3.69
C PRO A 40 -4.16 -36.27 -3.07
N GLU A 41 -4.36 -37.56 -3.28
CA GLU A 41 -5.49 -38.26 -2.69
C GLU A 41 -5.33 -38.36 -1.19
N ASN A 42 -4.12 -38.21 -0.66
CA ASN A 42 -3.95 -38.24 0.79
C ASN A 42 -3.91 -36.83 1.44
N ARG A 43 -3.91 -35.76 0.63
CA ARG A 43 -3.91 -34.40 1.14
C ARG A 43 -5.31 -33.90 1.49
N LEU A 44 -5.49 -33.56 2.77
CA LEU A 44 -6.75 -33.04 3.29
C LEU A 44 -6.82 -31.55 2.96
N LYS A 45 -8.00 -31.10 2.49
CA LYS A 45 -8.27 -29.72 2.07
C LYS A 45 -9.78 -29.55 2.16
N GLU A 46 -10.27 -29.35 3.38
CA GLU A 46 -11.70 -29.21 3.53
C GLU A 46 -12.15 -27.92 4.16
N GLN A 47 -13.40 -27.56 3.83
CA GLN A 47 -14.09 -26.47 4.49
C GLN A 47 -15.02 -27.05 5.55
N VAL A 48 -14.68 -26.81 6.81
CA VAL A 48 -15.49 -27.30 7.90
C VAL A 48 -16.29 -26.15 8.49
N VAL A 49 -17.60 -26.35 8.55
CA VAL A 49 -18.46 -25.42 9.25
C VAL A 49 -18.42 -25.85 10.70
N LEU A 50 -17.60 -25.15 11.51
CA LEU A 50 -17.55 -25.31 12.96
C LEU A 50 -18.96 -25.10 13.53
N PRO A 51 -19.50 -25.92 14.46
CA PRO A 51 -20.86 -25.79 15.01
C PRO A 51 -21.11 -24.49 15.77
N ASN A 52 -20.14 -24.15 16.63
CA ASN A 52 -20.16 -22.93 17.43
C ASN A 52 -19.52 -21.68 16.79
N GLY A 53 -19.27 -21.61 15.47
CA GLY A 53 -18.61 -20.44 14.88
C GLY A 53 -17.09 -20.40 15.10
N ARG A 54 -16.45 -19.25 14.82
CA ARG A 54 -15.01 -19.16 14.91
C ARG A 54 -14.41 -17.99 15.69
N GLY A 55 -15.12 -17.41 16.67
CA GLY A 55 -14.60 -16.24 17.39
C GLY A 55 -15.00 -14.98 16.63
N LYS A 56 -14.10 -14.23 15.99
CA LYS A 56 -14.52 -13.07 15.19
C LYS A 56 -15.02 -13.50 13.82
N GLU A 57 -16.08 -12.88 13.34
CA GLU A 57 -16.58 -13.10 12.00
C GLU A 57 -15.58 -12.78 10.89
N PRO A 58 -15.50 -13.51 9.78
CA PRO A 58 -14.54 -13.27 8.72
C PRO A 58 -15.05 -12.21 7.77
N LYS A 59 -14.18 -11.42 7.13
CA LYS A 59 -14.64 -10.43 6.17
C LYS A 59 -14.93 -11.11 4.84
N ILE A 60 -16.10 -10.87 4.21
CA ILE A 60 -16.48 -11.52 2.96
C ILE A 60 -16.66 -10.53 1.82
N ALA A 61 -16.05 -10.75 0.65
CA ALA A 61 -16.20 -9.84 -0.49
C ALA A 61 -17.04 -10.52 -1.56
N VAL A 62 -17.96 -9.80 -2.20
CA VAL A 62 -18.85 -10.35 -3.22
C VAL A 62 -18.58 -9.63 -4.55
N ILE A 63 -18.01 -10.35 -5.50
CA ILE A 63 -17.67 -9.80 -6.78
C ILE A 63 -18.84 -10.10 -7.68
N ALA A 64 -19.78 -9.17 -7.88
CA ALA A 64 -20.96 -9.46 -8.69
C ALA A 64 -21.50 -8.20 -9.30
N LYS A 65 -22.72 -8.25 -9.79
CA LYS A 65 -23.44 -7.14 -10.36
C LYS A 65 -24.91 -7.52 -10.34
N GLY A 66 -25.85 -6.60 -10.53
CA GLY A 66 -27.26 -6.98 -10.47
C GLY A 66 -27.76 -7.18 -9.04
N ASP A 67 -28.87 -7.93 -8.94
CA ASP A 67 -29.58 -8.24 -7.68
C ASP A 67 -28.69 -8.89 -6.63
N LEU A 68 -27.78 -9.73 -7.10
CA LEU A 68 -26.89 -10.44 -6.23
C LEU A 68 -25.96 -9.44 -5.60
N ALA A 69 -25.56 -8.38 -6.31
CA ALA A 69 -24.70 -7.38 -5.69
C ALA A 69 -25.50 -6.36 -4.92
N ALA A 70 -26.80 -6.28 -5.21
CA ALA A 70 -27.71 -5.43 -4.48
C ALA A 70 -27.94 -6.01 -3.10
N GLN A 71 -27.95 -7.35 -3.01
CA GLN A 71 -28.12 -8.04 -1.74
C GLN A 71 -26.88 -7.95 -0.86
N ALA A 72 -25.70 -8.05 -1.44
CA ALA A 72 -24.50 -8.03 -0.65
C ALA A 72 -24.17 -6.68 -0.05
N GLU A 73 -24.48 -5.58 -0.76
CA GLU A 73 -24.28 -4.21 -0.23
C GLU A 73 -25.21 -4.01 0.96
N GLU A 74 -26.40 -4.58 0.78
CA GLU A 74 -27.47 -4.62 1.79
C GLU A 74 -27.08 -5.36 3.04
N MET A 75 -26.38 -6.47 2.85
CA MET A 75 -25.90 -7.23 3.98
C MET A 75 -24.70 -6.57 4.61
N GLY A 76 -24.16 -5.57 3.94
CA GLY A 76 -23.03 -4.86 4.47
C GLY A 76 -21.73 -5.51 4.04
N LEU A 77 -21.77 -6.46 3.09
CA LEU A 77 -20.59 -7.08 2.54
C LEU A 77 -19.88 -6.13 1.58
N THR A 78 -18.57 -6.32 1.36
CA THR A 78 -17.77 -5.56 0.39
C THR A 78 -18.15 -5.94 -1.04
N VAL A 79 -18.70 -5.06 -1.87
CA VAL A 79 -19.07 -5.39 -3.23
C VAL A 79 -18.10 -4.76 -4.21
N ILE A 80 -17.58 -5.66 -5.04
CA ILE A 80 -16.70 -5.34 -6.16
C ILE A 80 -17.51 -5.64 -7.42
N ARG A 81 -18.02 -4.57 -8.03
CA ARG A 81 -18.75 -4.66 -9.29
C ARG A 81 -17.81 -4.76 -10.50
N GLN A 82 -18.27 -5.03 -11.72
CA GLN A 82 -17.38 -5.23 -12.87
C GLN A 82 -16.42 -4.10 -13.18
N ASP A 83 -16.91 -2.88 -13.01
CA ASP A 83 -16.14 -1.70 -13.32
C ASP A 83 -14.92 -1.55 -12.43
N GLU A 84 -15.18 -1.79 -11.15
CA GLU A 84 -14.15 -1.77 -10.12
C GLU A 84 -13.19 -2.96 -10.22
N LEU A 85 -13.59 -4.01 -10.95
CA LEU A 85 -12.77 -5.19 -11.14
C LEU A 85 -11.75 -4.90 -12.23
N GLU A 86 -12.16 -4.11 -13.23
CA GLU A 86 -11.29 -3.74 -14.33
C GLU A 86 -10.15 -2.85 -13.82
N GLU A 87 -10.45 -1.87 -12.97
CA GLU A 87 -9.40 -1.00 -12.46
C GLU A 87 -8.42 -1.72 -11.55
N LEU A 88 -8.95 -2.65 -10.76
CA LEU A 88 -8.14 -3.46 -9.86
C LEU A 88 -7.09 -4.28 -10.57
N GLY A 89 -7.35 -4.58 -11.85
CA GLY A 89 -6.43 -5.31 -12.69
C GLY A 89 -5.19 -4.49 -13.00
N LYS A 90 -5.38 -3.19 -13.22
CA LYS A 90 -4.28 -2.25 -13.47
C LYS A 90 -3.51 -1.89 -12.22
N ASN A 91 -4.12 -2.11 -11.05
CA ASN A 91 -3.55 -1.67 -9.77
C ASN A 91 -3.22 -2.76 -8.76
N LYS A 92 -2.00 -3.29 -8.90
CA LYS A 92 -1.56 -4.36 -8.02
C LYS A 92 -1.46 -3.96 -6.55
N LYS A 93 -1.36 -2.67 -6.23
CA LYS A 93 -1.30 -2.21 -4.85
C LYS A 93 -2.65 -2.41 -4.15
N MET A 94 -3.71 -1.94 -4.81
CA MET A 94 -5.06 -2.04 -4.31
C MET A 94 -5.59 -3.47 -4.40
N ALA A 95 -4.96 -4.31 -5.23
CA ALA A 95 -5.40 -5.67 -5.37
C ALA A 95 -4.82 -6.51 -4.26
N LYS A 96 -3.54 -6.37 -3.87
CA LYS A 96 -3.02 -7.14 -2.76
C LYS A 96 -3.73 -6.71 -1.49
N LYS A 97 -4.28 -5.50 -1.44
CA LYS A 97 -4.93 -5.01 -0.24
C LYS A 97 -6.31 -5.63 0.01
N ILE A 98 -7.15 -5.76 -1.02
CA ILE A 98 -8.48 -6.33 -0.89
C ILE A 98 -8.38 -7.79 -0.50
N ALA A 99 -7.35 -8.45 -1.07
CA ALA A 99 -7.03 -9.84 -0.84
C ALA A 99 -6.59 -10.13 0.57
N ASN A 100 -5.60 -9.39 1.07
CA ASN A 100 -5.12 -9.54 2.45
C ASN A 100 -6.11 -9.01 3.49
N GLU A 101 -7.13 -8.25 3.08
CA GLU A 101 -8.14 -7.78 4.01
C GLU A 101 -9.38 -8.65 4.10
N HIS A 102 -9.69 -9.52 3.12
CA HIS A 102 -10.86 -10.37 3.20
C HIS A 102 -10.51 -11.81 3.40
N ASP A 103 -11.29 -12.53 4.20
CA ASP A 103 -11.06 -13.94 4.39
C ASP A 103 -11.67 -14.79 3.27
N PHE A 104 -12.94 -14.58 2.90
CA PHE A 104 -13.60 -15.36 1.87
C PHE A 104 -14.10 -14.50 0.72
N PHE A 105 -14.06 -15.00 -0.52
CA PHE A 105 -14.55 -14.30 -1.70
C PHE A 105 -15.65 -15.13 -2.34
N ILE A 106 -16.68 -14.46 -2.82
CA ILE A 106 -17.79 -15.12 -3.50
C ILE A 106 -17.85 -14.35 -4.80
N ALA A 107 -17.90 -15.01 -5.93
CA ALA A 107 -18.06 -14.28 -7.18
C ALA A 107 -19.30 -14.80 -7.83
N GLN A 108 -19.92 -13.96 -8.64
CA GLN A 108 -21.05 -14.40 -9.43
C GLN A 108 -20.41 -15.29 -10.48
N ALA A 109 -21.14 -16.38 -10.73
CA ALA A 109 -20.72 -17.44 -11.63
C ALA A 109 -20.10 -16.95 -12.93
N ASP A 110 -20.83 -16.13 -13.72
CA ASP A 110 -20.30 -15.72 -15.02
C ASP A 110 -19.14 -14.75 -15.01
N MET A 111 -18.83 -14.19 -13.84
CA MET A 111 -17.73 -13.27 -13.69
C MET A 111 -16.39 -13.95 -13.39
N MET A 112 -16.35 -15.28 -13.28
CA MET A 112 -15.12 -15.99 -12.92
C MET A 112 -13.98 -16.01 -13.92
N PRO A 113 -14.11 -16.05 -15.25
CA PRO A 113 -12.97 -15.94 -16.15
C PRO A 113 -12.43 -14.52 -16.07
N LEU A 114 -13.32 -13.50 -15.90
CA LEU A 114 -12.88 -12.11 -15.71
C LEU A 114 -12.21 -11.91 -14.37
N VAL A 115 -12.54 -12.66 -13.31
CA VAL A 115 -11.82 -12.62 -12.03
C VAL A 115 -10.54 -13.43 -12.21
N GLY A 116 -10.53 -14.47 -13.08
CA GLY A 116 -9.33 -15.27 -13.32
C GLY A 116 -8.24 -14.42 -13.97
N LYS A 117 -8.68 -13.58 -14.90
CA LYS A 117 -7.85 -12.65 -15.63
C LYS A 117 -7.34 -11.45 -14.82
N THR A 118 -8.24 -10.76 -14.09
CA THR A 118 -7.89 -9.55 -13.38
C THR A 118 -7.39 -9.81 -11.97
N LEU A 119 -8.18 -10.26 -10.99
CA LEU A 119 -7.66 -10.50 -9.64
C LEU A 119 -6.92 -11.82 -9.47
N GLY A 120 -6.98 -12.72 -10.44
CA GLY A 120 -6.32 -14.02 -10.37
C GLY A 120 -4.86 -14.04 -9.89
N PRO A 121 -3.90 -13.25 -10.38
CA PRO A 121 -2.53 -13.15 -9.86
C PRO A 121 -2.41 -12.94 -8.34
N VAL A 122 -3.49 -12.41 -7.76
CA VAL A 122 -3.48 -12.07 -6.36
C VAL A 122 -4.06 -13.22 -5.54
N LEU A 123 -5.36 -13.45 -5.72
CA LEU A 123 -6.09 -14.41 -4.90
C LEU A 123 -5.59 -15.81 -5.03
N GLY A 124 -5.25 -16.25 -6.24
CA GLY A 124 -4.77 -17.60 -6.49
C GLY A 124 -3.54 -18.01 -5.67
N PRO A 125 -2.42 -17.30 -5.73
CA PRO A 125 -1.30 -17.46 -4.80
C PRO A 125 -1.69 -17.34 -3.34
N ARG A 126 -2.74 -16.56 -3.04
CA ARG A 126 -3.17 -16.41 -1.66
C ARG A 126 -4.19 -17.43 -1.21
N GLY A 127 -4.78 -18.19 -2.12
CA GLY A 127 -5.77 -19.18 -1.76
C GLY A 127 -7.16 -18.60 -1.58
N LYS A 128 -7.35 -17.31 -1.86
CA LYS A 128 -8.64 -16.68 -1.69
C LYS A 128 -9.44 -16.58 -2.98
N MET A 129 -9.32 -17.54 -3.92
CA MET A 129 -10.10 -17.50 -5.16
C MET A 129 -11.58 -17.64 -4.88
N PRO A 130 -12.45 -16.81 -5.45
CA PRO A 130 -13.87 -16.83 -5.14
C PRO A 130 -14.67 -18.09 -5.38
N GLN A 131 -15.59 -18.31 -4.46
CA GLN A 131 -16.55 -19.39 -4.55
C GLN A 131 -17.66 -18.90 -5.44
N PRO A 132 -18.02 -19.58 -6.52
CA PRO A 132 -19.07 -19.16 -7.42
C PRO A 132 -20.45 -19.53 -6.94
N VAL A 133 -21.38 -18.60 -7.12
CA VAL A 133 -22.76 -18.82 -6.79
C VAL A 133 -23.58 -18.42 -8.02
N PRO A 134 -24.75 -19.02 -8.30
CA PRO A 134 -25.63 -18.61 -9.38
C PRO A 134 -25.98 -17.14 -9.26
N ALA A 135 -26.14 -16.55 -10.44
CA ALA A 135 -26.51 -15.16 -10.57
C ALA A 135 -27.73 -14.74 -9.75
N ASN A 136 -28.64 -15.71 -9.51
CA ASN A 136 -29.81 -15.47 -8.68
C ASN A 136 -29.75 -16.09 -7.28
N ALA A 137 -28.63 -16.68 -6.84
CA ALA A 137 -28.48 -17.23 -5.50
C ALA A 137 -28.92 -16.32 -4.35
N ASN A 138 -29.49 -16.84 -3.24
CA ASN A 138 -29.71 -16.00 -2.06
C ASN A 138 -28.49 -16.14 -1.17
N LEU A 139 -27.79 -15.01 -1.11
CA LEU A 139 -26.59 -14.93 -0.32
C LEU A 139 -26.78 -15.19 1.16
N THR A 140 -28.00 -15.18 1.75
CA THR A 140 -28.06 -15.30 3.20
C THR A 140 -27.69 -16.69 3.74
N PRO A 141 -28.10 -17.84 3.20
CA PRO A 141 -27.63 -19.16 3.58
C PRO A 141 -26.13 -19.36 3.54
N LEU A 142 -25.62 -18.87 2.40
CA LEU A 142 -24.22 -18.94 2.02
C LEU A 142 -23.32 -18.18 2.97
N VAL A 143 -23.70 -16.95 3.29
CA VAL A 143 -22.93 -16.11 4.18
C VAL A 143 -23.03 -16.65 5.60
N GLU A 144 -24.15 -17.29 5.94
CA GLU A 144 -24.31 -17.91 7.25
C GLU A 144 -23.26 -18.99 7.44
N ARG A 145 -23.24 -19.94 6.50
CA ARG A 145 -22.30 -21.05 6.48
C ARG A 145 -20.86 -20.55 6.54
N LEU A 146 -20.48 -19.67 5.59
CA LEU A 146 -19.15 -19.12 5.55
C LEU A 146 -18.74 -18.36 6.84
N LYS A 147 -19.64 -17.71 7.61
CA LYS A 147 -19.23 -17.07 8.86
C LYS A 147 -18.69 -18.05 9.91
N LYS A 148 -18.99 -19.34 9.71
CA LYS A 148 -18.50 -20.40 10.57
C LYS A 148 -17.69 -21.42 9.80
N THR A 149 -17.11 -21.05 8.67
CA THR A 149 -16.29 -21.93 7.85
C THR A 149 -14.82 -21.64 8.08
N VAL A 150 -14.04 -22.69 8.33
CA VAL A 150 -12.58 -22.61 8.35
C VAL A 150 -12.09 -23.57 7.30
N LEU A 151 -10.79 -23.65 7.00
CA LEU A 151 -10.30 -24.51 5.91
C LEU A 151 -9.09 -25.35 6.33
N ILE A 152 -9.31 -26.64 6.54
CA ILE A 152 -8.22 -27.55 6.82
C ILE A 152 -7.35 -27.57 5.56
N ASN A 153 -6.02 -27.43 5.66
CA ASN A 153 -5.17 -27.65 4.49
C ASN A 153 -3.77 -28.21 4.78
N THR A 154 -3.57 -29.53 4.49
CA THR A 154 -2.28 -30.19 4.76
C THR A 154 -1.27 -29.75 3.72
N ARG A 155 -1.75 -29.40 2.48
CA ARG A 155 -0.83 -29.10 1.37
C ARG A 155 0.01 -30.36 1.42
N ASP A 156 1.23 -30.28 0.99
CA ASP A 156 2.17 -31.39 1.19
C ASP A 156 3.03 -31.57 2.42
N LYS A 157 2.44 -31.62 3.60
CA LYS A 157 3.22 -31.84 4.82
C LYS A 157 2.34 -32.49 5.87
N PRO A 158 2.84 -33.38 6.74
CA PRO A 158 2.07 -34.08 7.77
C PRO A 158 1.73 -33.27 9.02
N LEU A 159 1.27 -32.05 8.78
CA LEU A 159 1.03 -31.07 9.82
C LEU A 159 0.08 -29.95 9.39
N PHE A 160 -0.87 -29.57 10.28
CA PHE A 160 -1.71 -28.39 10.06
C PHE A 160 -2.33 -27.77 11.31
N HIS A 161 -2.67 -26.49 11.18
CA HIS A 161 -3.36 -25.73 12.22
C HIS A 161 -4.69 -25.29 11.60
N VAL A 162 -5.66 -25.05 12.46
CA VAL A 162 -6.99 -24.58 12.09
C VAL A 162 -7.39 -23.73 13.29
N LEU A 163 -8.05 -22.56 13.19
CA LEU A 163 -8.45 -21.93 14.43
C LEU A 163 -9.80 -22.51 14.80
N VAL A 164 -9.88 -22.97 16.05
CA VAL A 164 -11.14 -23.49 16.54
C VAL A 164 -11.96 -22.48 17.34
N GLY A 165 -11.48 -21.25 17.61
CA GLY A 165 -12.26 -20.20 18.29
C GLY A 165 -11.42 -19.27 19.15
N ASN A 166 -11.99 -18.50 20.09
CA ASN A 166 -11.15 -17.67 20.97
C ASN A 166 -11.51 -17.85 22.45
N GLU A 167 -10.74 -17.20 23.34
CA GLU A 167 -10.94 -17.16 24.79
C GLU A 167 -12.35 -16.94 25.26
N LYS A 168 -13.12 -16.06 24.63
CA LYS A 168 -14.48 -15.78 25.07
C LYS A 168 -15.53 -16.84 24.80
N MET A 169 -15.06 -18.03 24.46
CA MET A 169 -15.93 -19.15 24.22
C MET A 169 -15.69 -20.13 25.33
N SER A 170 -16.74 -20.89 25.59
CA SER A 170 -16.65 -21.92 26.61
C SER A 170 -15.79 -23.06 26.12
N ASP A 171 -15.37 -23.76 27.15
CA ASP A 171 -14.61 -24.98 26.99
C ASP A 171 -15.43 -25.96 26.20
N GLU A 172 -16.72 -25.98 26.48
CA GLU A 172 -17.63 -26.88 25.82
C GLU A 172 -17.78 -26.59 24.35
N GLU A 173 -17.71 -25.30 24.03
CA GLU A 173 -17.85 -24.88 22.64
C GLU A 173 -16.61 -25.17 21.82
N LEU A 174 -15.46 -24.92 22.45
CA LEU A 174 -14.18 -25.21 21.84
C LEU A 174 -13.95 -26.74 21.77
N ALA A 175 -14.64 -27.56 22.59
CA ALA A 175 -14.52 -29.00 22.58
C ALA A 175 -15.25 -29.48 21.35
N GLU A 176 -16.49 -29.01 21.19
CA GLU A 176 -17.32 -29.39 20.07
C GLU A 176 -16.81 -28.81 18.75
N ASN A 177 -15.92 -27.82 18.78
CA ASN A 177 -15.34 -27.25 17.56
C ASN A 177 -14.18 -28.11 17.15
N ILE A 178 -13.33 -28.46 18.11
CA ILE A 178 -12.23 -29.38 17.89
C ILE A 178 -12.70 -30.78 17.49
N GLU A 179 -13.79 -31.25 18.06
CA GLU A 179 -14.35 -32.53 17.72
C GLU A 179 -14.89 -32.48 16.32
N ALA A 180 -15.33 -31.32 15.82
CA ALA A 180 -15.84 -31.22 14.47
C ALA A 180 -14.69 -31.29 13.47
N ILE A 181 -13.50 -30.84 13.89
CA ILE A 181 -12.36 -30.95 13.00
C ILE A 181 -11.95 -32.40 13.01
N LEU A 182 -11.64 -33.03 14.16
CA LEU A 182 -11.21 -34.42 14.23
C LEU A 182 -12.10 -35.42 13.50
N ASN A 183 -13.42 -35.19 13.54
CA ASN A 183 -14.41 -36.03 12.87
C ASN A 183 -14.30 -36.05 11.35
N THR A 184 -13.52 -35.08 10.85
CA THR A 184 -13.28 -34.85 9.46
C THR A 184 -12.04 -35.62 9.03
N VAL A 185 -10.96 -35.63 9.83
CA VAL A 185 -9.75 -36.42 9.55
C VAL A 185 -10.25 -37.84 9.52
N SER A 186 -10.98 -38.22 10.58
CA SER A 186 -11.61 -39.52 10.75
C SER A 186 -12.45 -39.92 9.55
N ARG A 187 -13.25 -39.02 8.99
CA ARG A 187 -14.09 -39.37 7.86
C ARG A 187 -13.29 -39.57 6.60
N LYS A 188 -12.19 -38.86 6.38
CA LYS A 188 -11.50 -38.92 5.10
C LYS A 188 -10.84 -40.26 4.87
N TYR A 189 -9.93 -40.53 5.81
CA TYR A 189 -9.05 -41.68 5.76
C TYR A 189 -9.70 -42.97 6.22
N GLU A 190 -9.41 -44.16 5.66
CA GLU A 190 -10.11 -45.35 6.13
C GLU A 190 -9.57 -45.99 7.40
N LYS A 191 -8.34 -45.70 7.80
CA LYS A 191 -7.93 -46.17 9.10
C LYS A 191 -8.44 -45.21 10.17
N GLY A 192 -8.92 -44.04 9.76
CA GLY A 192 -9.55 -43.08 10.65
C GLY A 192 -8.60 -42.17 11.38
N LEU A 193 -8.81 -42.05 12.70
CA LEU A 193 -7.97 -41.16 13.49
C LEU A 193 -6.65 -41.74 13.93
N TYR A 194 -6.31 -42.90 13.36
CA TYR A 194 -5.05 -43.59 13.56
C TYR A 194 -3.91 -42.76 13.02
N HIS A 195 -4.19 -41.98 11.96
CA HIS A 195 -3.19 -41.09 11.38
C HIS A 195 -2.91 -39.81 12.18
N VAL A 196 -3.56 -39.61 13.34
CA VAL A 196 -3.24 -38.48 14.20
C VAL A 196 -2.25 -39.02 15.22
N LYS A 197 -1.00 -38.64 14.98
CA LYS A 197 0.17 -38.97 15.80
C LYS A 197 0.10 -38.39 17.20
N SER A 198 -0.27 -37.09 17.25
CA SER A 198 -0.49 -36.26 18.44
C SER A 198 -1.30 -35.04 18.02
N ALA A 199 -2.05 -34.45 18.92
CA ALA A 199 -2.83 -33.26 18.59
C ALA A 199 -2.78 -32.34 19.79
N TYR A 200 -2.52 -31.05 19.50
CA TYR A 200 -2.37 -30.01 20.52
C TYR A 200 -3.42 -28.89 20.44
N THR A 201 -3.70 -28.21 21.55
CA THR A 201 -4.53 -26.99 21.51
C THR A 201 -3.60 -25.88 21.97
N LYS A 202 -3.90 -24.64 21.57
CA LYS A 202 -3.02 -23.53 21.92
C LYS A 202 -3.72 -22.18 21.85
N LEU A 203 -3.39 -21.32 22.78
CA LEU A 203 -3.90 -19.95 22.68
C LEU A 203 -2.87 -19.19 21.84
N THR A 204 -3.19 -17.96 21.38
CA THR A 204 -2.27 -17.21 20.49
C THR A 204 -0.91 -17.07 21.07
N MET A 205 -0.87 -16.71 22.33
CA MET A 205 0.38 -16.61 23.09
C MET A 205 0.42 -17.52 24.31
N GLY A 206 -0.40 -18.58 24.25
CA GLY A 206 -0.40 -19.63 25.25
C GLY A 206 0.67 -20.67 24.92
N PRO A 207 0.96 -21.61 25.83
CA PRO A 207 1.69 -22.84 25.52
C PRO A 207 0.73 -23.92 25.00
N PRO A 208 1.20 -24.92 24.22
CA PRO A 208 0.37 -25.98 23.67
C PRO A 208 0.16 -27.15 24.60
N ALA A 209 -1.07 -27.55 24.75
CA ALA A 209 -1.36 -28.69 25.59
C ALA A 209 -2.02 -29.77 24.76
N GLN A 210 -1.37 -30.94 24.63
CA GLN A 210 -1.95 -32.00 23.83
C GLN A 210 -3.16 -32.73 24.38
N ILE A 211 -4.11 -32.93 23.47
CA ILE A 211 -5.34 -33.66 23.72
C ILE A 211 -4.99 -35.11 24.05
N GLU A 212 -5.35 -35.67 25.23
CA GLU A 212 -5.00 -37.06 25.62
C GLU A 212 -5.77 -38.05 24.77
N LYS A 213 -4.88 -38.51 23.89
CA LYS A 213 -5.17 -39.19 22.62
C LYS A 213 -5.66 -38.04 21.71
N MET B 1 -1.18 2.74 -14.93
CA MET B 1 -0.23 3.68 -15.51
C MET B 1 1.20 3.13 -15.65
N ASP B 2 1.56 2.80 -16.90
CA ASP B 2 2.94 2.44 -17.24
C ASP B 2 3.30 2.94 -18.63
N ARG B 3 4.62 3.13 -18.75
CA ARG B 3 5.28 3.84 -19.83
C ARG B 3 4.77 3.85 -21.25
N GLU B 4 3.99 2.88 -21.72
CA GLU B 4 3.50 2.93 -23.09
C GLU B 4 2.48 4.05 -23.12
N ASN B 5 1.61 4.19 -22.13
CA ASN B 5 0.64 5.28 -22.12
C ASN B 5 1.23 6.64 -21.85
N ILE B 6 2.37 6.69 -21.14
CA ILE B 6 3.05 7.93 -20.79
C ILE B 6 3.80 8.42 -22.02
N LEU B 7 4.56 7.54 -22.66
CA LEU B 7 5.27 7.80 -23.91
C LEU B 7 4.33 8.33 -24.98
N LYS B 8 3.18 7.68 -25.15
CA LYS B 8 2.19 8.10 -26.12
C LYS B 8 1.73 9.53 -25.79
N ALA B 9 1.47 9.82 -24.50
CA ALA B 9 1.02 11.14 -24.07
C ALA B 9 2.02 12.25 -24.34
N VAL B 10 3.30 11.97 -24.05
CA VAL B 10 4.40 12.91 -24.30
C VAL B 10 4.50 13.11 -25.81
N LYS B 11 4.43 12.06 -26.64
CA LYS B 11 4.50 12.21 -28.09
C LYS B 11 3.38 13.02 -28.67
N GLU B 12 2.19 12.97 -28.07
CA GLU B 12 1.07 13.75 -28.58
C GLU B 12 1.17 15.20 -28.16
N ALA B 13 1.54 15.44 -26.91
CA ALA B 13 1.66 16.80 -26.37
C ALA B 13 2.65 17.65 -27.13
N ARG B 14 3.69 16.96 -27.58
CA ARG B 14 4.74 17.52 -28.38
C ARG B 14 4.23 17.81 -29.78
N SER B 15 3.46 16.88 -30.37
CA SER B 15 2.97 17.06 -31.73
C SER B 15 1.75 17.95 -31.87
N LEU B 16 1.27 18.54 -30.77
CA LEU B 16 0.20 19.52 -30.88
C LEU B 16 0.69 20.94 -30.66
N ALA B 17 1.92 21.05 -30.13
CA ALA B 17 2.56 22.33 -29.92
C ALA B 17 3.27 22.82 -31.17
N LYS B 18 2.89 24.04 -31.56
CA LYS B 18 3.54 24.70 -32.67
C LYS B 18 4.79 25.31 -32.06
N PRO B 19 5.96 25.23 -32.72
CA PRO B 19 7.23 25.60 -32.10
C PRO B 19 7.38 27.12 -31.99
N ARG B 20 8.19 27.46 -30.97
CA ARG B 20 8.42 28.83 -30.53
C ARG B 20 9.91 29.11 -30.39
N ASN B 21 10.29 30.37 -30.15
CA ASN B 21 11.70 30.73 -30.03
C ASN B 21 12.34 30.67 -28.65
N PHE B 22 11.91 29.61 -27.98
CA PHE B 22 12.48 29.19 -26.73
C PHE B 22 12.16 27.70 -26.51
N THR B 23 12.94 27.19 -25.55
CA THR B 23 12.91 25.81 -25.09
C THR B 23 11.77 25.64 -24.08
N GLN B 24 10.62 25.21 -24.59
CA GLN B 24 9.40 25.04 -23.80
C GLN B 24 9.58 23.91 -22.82
N SER B 25 9.24 24.14 -21.55
CA SER B 25 9.30 23.05 -20.60
C SER B 25 8.03 22.23 -20.78
N LEU B 26 8.06 21.05 -20.19
CA LEU B 26 6.95 20.12 -20.23
C LEU B 26 6.53 19.86 -18.81
N ASP B 27 5.23 19.94 -18.54
CA ASP B 27 4.83 19.71 -17.17
C ASP B 27 3.66 18.78 -17.04
N LEU B 28 3.65 18.14 -15.87
CA LEU B 28 2.64 17.17 -15.47
C LEU B 28 1.52 17.78 -14.62
N ILE B 29 0.26 17.48 -14.94
CA ILE B 29 -0.92 17.95 -14.22
C ILE B 29 -1.70 16.74 -13.67
N ILE B 30 -1.81 16.54 -12.35
CA ILE B 30 -2.51 15.38 -11.81
C ILE B 30 -3.69 15.85 -10.97
N ASN B 31 -4.78 15.10 -10.98
CA ASN B 31 -5.94 15.43 -10.17
C ASN B 31 -6.22 14.25 -9.32
N LEU B 32 -6.23 14.44 -8.01
CA LEU B 32 -6.49 13.37 -7.09
C LEU B 32 -7.96 13.21 -6.70
N LYS B 33 -8.48 11.98 -6.69
CA LYS B 33 -9.83 11.72 -6.23
C LYS B 33 -9.81 11.05 -4.87
N GLU B 34 -10.98 10.89 -4.26
CA GLU B 34 -11.17 10.22 -2.96
C GLU B 34 -10.25 10.56 -1.78
N LEU B 35 -9.60 11.74 -1.74
CA LEU B 35 -8.77 12.07 -0.58
C LEU B 35 -9.39 13.20 0.25
N ASP B 36 -9.11 13.26 1.56
CA ASP B 36 -9.60 14.34 2.44
C ASP B 36 -8.40 15.25 2.72
N LEU B 37 -8.13 16.21 1.81
CA LEU B 37 -6.94 17.04 1.91
C LEU B 37 -6.89 18.00 3.08
N SER B 38 -8.03 18.10 3.78
CA SER B 38 -8.16 18.92 4.96
C SER B 38 -7.17 18.52 6.04
N ARG B 39 -7.21 17.24 6.41
CA ARG B 39 -6.30 16.74 7.42
C ARG B 39 -4.95 16.49 6.77
N PRO B 40 -3.86 16.98 7.34
CA PRO B 40 -2.57 17.07 6.67
C PRO B 40 -1.84 15.78 6.36
N GLU B 41 -2.33 14.63 6.83
CA GLU B 41 -1.66 13.37 6.56
C GLU B 41 -2.02 12.79 5.20
N ASN B 42 -2.90 13.47 4.48
CA ASN B 42 -3.32 13.08 3.15
C ASN B 42 -2.71 13.93 2.06
N ARG B 43 -2.05 15.02 2.41
CA ARG B 43 -1.47 15.96 1.45
C ARG B 43 -0.13 15.49 0.94
N LEU B 44 0.15 15.74 -0.34
CA LEU B 44 1.38 15.30 -0.94
C LEU B 44 2.32 16.50 -0.95
N LYS B 45 3.36 16.41 -0.13
CA LYS B 45 4.39 17.44 -0.06
C LYS B 45 5.72 16.66 -0.06
N GLU B 46 6.18 16.35 -1.28
CA GLU B 46 7.34 15.51 -1.49
C GLU B 46 8.43 16.11 -2.34
N GLN B 47 9.71 15.88 -2.02
CA GLN B 47 10.82 16.21 -2.92
C GLN B 47 11.20 14.97 -3.75
N VAL B 48 10.98 14.97 -5.08
CA VAL B 48 11.26 13.84 -5.97
C VAL B 48 12.52 14.11 -6.79
N VAL B 49 13.51 13.22 -6.79
CA VAL B 49 14.72 13.44 -7.58
C VAL B 49 14.43 12.93 -8.98
N LEU B 50 13.99 13.75 -9.94
CA LEU B 50 13.75 13.27 -11.29
C LEU B 50 14.98 12.64 -11.91
N PRO B 51 14.98 11.36 -12.37
CA PRO B 51 16.15 10.60 -12.79
C PRO B 51 16.93 11.28 -13.89
N ASN B 52 16.25 11.71 -14.96
CA ASN B 52 16.95 12.39 -16.01
C ASN B 52 17.22 13.87 -15.75
N GLY B 53 16.73 14.44 -14.65
CA GLY B 53 16.92 15.86 -14.37
C GLY B 53 15.78 16.71 -14.90
N ARG B 54 15.86 18.02 -14.62
CA ARG B 54 14.78 18.93 -14.95
C ARG B 54 14.90 19.85 -16.16
N GLY B 55 15.95 19.77 -16.96
CA GLY B 55 16.04 20.62 -18.13
C GLY B 55 17.10 21.66 -17.90
N LYS B 56 16.76 22.78 -17.27
CA LYS B 56 17.77 23.78 -16.90
C LYS B 56 18.05 23.51 -15.42
N GLU B 57 19.31 23.60 -15.01
CA GLU B 57 19.66 23.35 -13.61
C GLU B 57 19.07 24.42 -12.70
N PRO B 58 18.74 24.12 -11.42
CA PRO B 58 18.28 25.09 -10.45
C PRO B 58 19.41 25.94 -9.91
N LYS B 59 19.14 27.19 -9.48
CA LYS B 59 20.15 28.01 -8.83
C LYS B 59 20.00 27.68 -7.34
N ILE B 60 21.12 27.35 -6.68
CA ILE B 60 21.11 26.99 -5.26
C ILE B 60 21.89 28.05 -4.50
N ALA B 61 21.38 28.40 -3.32
CA ALA B 61 22.01 29.38 -2.45
C ALA B 61 22.33 28.73 -1.11
N VAL B 62 23.58 28.84 -0.70
CA VAL B 62 24.06 28.27 0.52
C VAL B 62 24.35 29.30 1.60
N ILE B 63 23.48 29.40 2.60
CA ILE B 63 23.72 30.27 3.75
C ILE B 63 24.60 29.50 4.72
N ALA B 64 25.89 29.86 4.82
CA ALA B 64 26.85 29.23 5.73
C ALA B 64 28.22 29.90 5.89
N LYS B 65 29.14 29.22 6.58
CA LYS B 65 30.47 29.74 6.79
C LYS B 65 31.49 28.59 6.91
N GLY B 66 32.74 28.82 7.37
CA GLY B 66 33.74 27.78 7.49
C GLY B 66 34.01 27.14 6.14
N ASP B 67 34.18 25.82 6.23
CA ASP B 67 34.46 25.00 5.06
C ASP B 67 33.27 24.74 4.15
N LEU B 68 32.05 24.79 4.69
CA LEU B 68 30.85 24.52 3.90
C LEU B 68 30.64 25.65 2.90
N ALA B 69 30.86 26.92 3.30
CA ALA B 69 30.76 28.05 2.40
C ALA B 69 31.93 28.07 1.42
N ALA B 70 33.04 27.43 1.84
CA ALA B 70 34.19 27.19 0.98
C ALA B 70 33.83 26.17 -0.08
N GLN B 71 33.07 25.13 0.25
CA GLN B 71 32.67 24.12 -0.70
C GLN B 71 31.68 24.67 -1.71
N ALA B 72 30.73 25.47 -1.24
CA ALA B 72 29.76 26.06 -2.13
C ALA B 72 30.41 27.09 -3.04
N GLU B 73 31.57 27.66 -2.68
CA GLU B 73 32.25 28.68 -3.47
C GLU B 73 33.00 28.07 -4.64
N GLU B 74 33.64 26.93 -4.37
CA GLU B 74 34.30 26.17 -5.41
C GLU B 74 33.23 25.49 -6.27
N MET B 75 32.04 25.25 -5.72
CA MET B 75 30.96 24.68 -6.51
C MET B 75 30.15 25.72 -7.27
N GLY B 76 30.61 26.98 -7.27
CA GLY B 76 29.98 28.06 -8.02
C GLY B 76 28.58 28.44 -7.56
N LEU B 77 28.21 28.04 -6.35
CA LEU B 77 26.92 28.34 -5.76
C LEU B 77 26.93 29.74 -5.12
N THR B 78 25.74 30.32 -4.88
CA THR B 78 25.66 31.59 -4.16
C THR B 78 26.01 31.35 -2.71
N VAL B 79 27.00 32.02 -2.15
CA VAL B 79 27.30 31.88 -0.73
C VAL B 79 26.83 33.16 -0.06
N ILE B 80 26.07 33.03 1.02
CA ILE B 80 25.61 34.16 1.81
C ILE B 80 26.28 33.92 3.15
N ARG B 81 27.34 34.65 3.50
CA ARG B 81 28.02 34.46 4.77
C ARG B 81 27.23 35.20 5.86
N GLN B 82 27.64 35.16 7.16
CA GLN B 82 26.88 35.81 8.24
C GLN B 82 26.60 37.31 8.09
N ASP B 83 27.62 38.08 7.67
CA ASP B 83 27.43 39.50 7.47
C ASP B 83 26.38 39.80 6.42
N GLU B 84 26.48 39.27 5.19
CA GLU B 84 25.51 39.49 4.11
C GLU B 84 24.08 39.26 4.52
N LEU B 85 23.95 38.27 5.41
CA LEU B 85 22.69 37.83 5.98
C LEU B 85 22.04 38.89 6.87
N GLU B 86 22.91 39.64 7.57
CA GLU B 86 22.51 40.73 8.46
C GLU B 86 22.01 41.95 7.69
N GLU B 87 22.71 42.26 6.59
CA GLU B 87 22.26 43.28 5.68
C GLU B 87 20.96 42.90 5.00
N LEU B 88 20.83 41.62 4.61
CA LEU B 88 19.66 41.10 3.93
C LEU B 88 18.40 41.31 4.72
N GLY B 89 18.48 41.10 6.03
CA GLY B 89 17.31 41.26 6.91
C GLY B 89 16.72 42.65 6.85
N LYS B 90 17.67 43.58 6.63
CA LYS B 90 17.35 44.98 6.46
C LYS B 90 16.89 45.29 5.03
N ASN B 91 17.72 45.13 3.99
CA ASN B 91 17.32 45.44 2.63
C ASN B 91 16.32 44.45 2.04
N LYS B 92 15.04 44.59 2.40
CA LYS B 92 13.98 43.71 1.94
C LYS B 92 13.81 43.75 0.43
N LYS B 93 14.44 44.66 -0.31
CA LYS B 93 14.38 44.66 -1.78
C LYS B 93 15.42 43.68 -2.28
N MET B 94 16.61 43.66 -1.68
CA MET B 94 17.65 42.75 -2.11
C MET B 94 17.35 41.34 -1.65
N ALA B 95 16.70 41.21 -0.49
CA ALA B 95 16.34 39.93 0.05
C ALA B 95 15.32 39.28 -0.84
N LYS B 96 14.37 40.04 -1.36
CA LYS B 96 13.38 39.50 -2.24
C LYS B 96 14.01 39.07 -3.55
N LYS B 97 14.92 39.76 -4.26
CA LYS B 97 15.47 39.15 -5.49
C LYS B 97 16.44 38.02 -5.15
N ILE B 98 16.88 37.89 -3.89
CA ILE B 98 17.66 36.73 -3.52
C ILE B 98 16.67 35.60 -3.42
N ALA B 99 15.51 35.80 -2.79
CA ALA B 99 14.54 34.75 -2.60
C ALA B 99 13.90 34.35 -3.93
N ASN B 100 13.60 35.27 -4.82
CA ASN B 100 12.94 34.93 -6.07
C ASN B 100 13.81 34.28 -7.12
N GLU B 101 15.13 34.43 -7.08
CA GLU B 101 16.01 33.88 -8.11
C GLU B 101 16.72 32.62 -7.68
N HIS B 102 16.32 31.98 -6.58
CA HIS B 102 16.97 30.78 -6.12
C HIS B 102 15.92 29.78 -5.74
N ASP B 103 16.05 28.63 -6.41
CA ASP B 103 15.17 27.49 -6.22
C ASP B 103 15.37 26.80 -4.89
N PHE B 104 16.58 26.68 -4.36
CA PHE B 104 16.72 25.96 -3.11
C PHE B 104 17.76 26.69 -2.29
N PHE B 105 17.46 26.70 -0.99
CA PHE B 105 18.38 27.27 -0.02
C PHE B 105 18.84 26.14 0.90
N ILE B 106 20.14 26.12 1.18
CA ILE B 106 20.74 25.15 2.08
C ILE B 106 21.38 26.02 3.16
N ALA B 107 21.22 25.70 4.43
CA ALA B 107 21.84 26.50 5.48
C ALA B 107 22.63 25.63 6.40
N GLN B 108 23.71 26.16 6.95
CA GLN B 108 24.47 25.42 7.94
C GLN B 108 23.54 25.34 9.13
N ALA B 109 23.60 24.22 9.82
CA ALA B 109 22.70 23.95 10.91
C ALA B 109 22.63 25.03 11.97
N ASP B 110 23.76 25.41 12.57
CA ASP B 110 23.77 26.40 13.66
C ASP B 110 23.32 27.80 13.30
N MET B 111 23.36 28.18 12.03
CA MET B 111 22.91 29.49 11.60
C MET B 111 21.42 29.52 11.33
N MET B 112 20.69 28.41 11.55
CA MET B 112 19.27 28.36 11.23
C MET B 112 18.43 29.35 12.02
N PRO B 113 18.56 29.59 13.34
CA PRO B 113 17.83 30.62 14.07
C PRO B 113 18.03 32.03 13.53
N LEU B 114 19.29 32.39 13.21
CA LEU B 114 19.61 33.67 12.60
C LEU B 114 19.03 33.81 11.20
N VAL B 115 18.90 32.72 10.44
CA VAL B 115 18.28 32.76 9.11
C VAL B 115 16.79 32.99 9.35
N GLY B 116 16.28 32.37 10.43
CA GLY B 116 14.88 32.45 10.82
C GLY B 116 14.52 33.90 11.08
N LYS B 117 15.39 34.52 11.87
CA LYS B 117 15.27 35.90 12.26
C LYS B 117 15.50 36.91 11.12
N THR B 118 16.43 36.70 10.17
CA THR B 118 16.66 37.69 9.12
C THR B 118 15.84 37.45 7.89
N LEU B 119 16.07 36.33 7.22
CA LEU B 119 15.37 36.01 6.00
C LEU B 119 14.08 35.26 6.25
N GLY B 120 13.84 34.71 7.45
CA GLY B 120 12.61 33.98 7.75
C GLY B 120 11.30 34.66 7.38
N PRO B 121 11.17 35.99 7.35
CA PRO B 121 10.06 36.72 6.73
C PRO B 121 9.86 36.72 5.21
N VAL B 122 10.91 36.90 4.42
CA VAL B 122 10.79 36.93 2.98
C VAL B 122 10.61 35.51 2.46
N LEU B 123 11.45 34.57 2.93
CA LEU B 123 11.42 33.18 2.50
C LEU B 123 10.26 32.36 3.04
N GLY B 124 9.88 32.59 4.31
CA GLY B 124 8.81 31.86 5.00
C GLY B 124 7.53 31.66 4.20
N PRO B 125 6.79 32.71 3.80
CA PRO B 125 5.70 32.64 2.82
C PRO B 125 6.06 32.13 1.44
N ARG B 126 7.26 32.38 0.88
CA ARG B 126 7.63 31.83 -0.41
C ARG B 126 7.93 30.34 -0.37
N GLY B 127 8.02 29.82 0.87
CA GLY B 127 8.30 28.41 1.12
C GLY B 127 9.73 28.04 0.82
N LYS B 128 10.65 28.99 0.70
CA LYS B 128 12.01 28.64 0.37
C LYS B 128 12.88 28.52 1.59
N MET B 129 12.33 28.14 2.75
CA MET B 129 13.16 28.00 3.93
C MET B 129 14.24 26.94 3.76
N PRO B 130 15.44 27.15 4.28
CA PRO B 130 16.55 26.24 4.11
C PRO B 130 16.48 24.85 4.73
N GLN B 131 17.27 23.95 4.14
CA GLN B 131 17.51 22.60 4.64
C GLN B 131 18.75 22.71 5.51
N PRO B 132 18.73 22.34 6.79
CA PRO B 132 19.93 22.26 7.63
C PRO B 132 20.82 21.09 7.34
N VAL B 133 22.11 21.40 7.21
CA VAL B 133 23.13 20.38 7.03
C VAL B 133 24.22 20.74 8.03
N PRO B 134 24.90 19.82 8.69
CA PRO B 134 25.99 20.15 9.60
C PRO B 134 27.18 20.79 8.91
N ALA B 135 28.02 21.53 9.65
CA ALA B 135 29.20 22.14 9.04
C ALA B 135 30.21 21.12 8.51
N ASN B 136 30.15 19.90 9.07
CA ASN B 136 31.00 18.82 8.60
C ASN B 136 30.53 18.22 7.29
N ALA B 137 29.32 18.51 6.84
CA ALA B 137 28.79 17.90 5.64
C ALA B 137 29.63 18.07 4.40
N ASN B 138 29.47 17.10 3.50
CA ASN B 138 29.99 17.25 2.16
C ASN B 138 28.73 17.65 1.42
N LEU B 139 28.92 18.78 0.72
CA LEU B 139 27.89 19.40 -0.07
C LEU B 139 27.63 18.72 -1.41
N THR B 140 28.67 18.09 -1.99
CA THR B 140 28.60 17.43 -3.31
C THR B 140 27.39 16.51 -3.50
N PRO B 141 27.14 15.46 -2.69
CA PRO B 141 26.01 14.54 -2.87
C PRO B 141 24.67 15.28 -2.91
N LEU B 142 24.59 16.16 -1.93
CA LEU B 142 23.43 16.97 -1.69
C LEU B 142 23.11 17.85 -2.87
N VAL B 143 24.10 18.55 -3.40
CA VAL B 143 23.82 19.50 -4.45
C VAL B 143 23.44 18.78 -5.73
N GLU B 144 24.00 17.59 -5.95
CA GLU B 144 23.71 16.84 -7.15
C GLU B 144 22.31 16.21 -7.12
N ARG B 145 21.83 15.95 -5.90
CA ARG B 145 20.49 15.44 -5.71
C ARG B 145 19.51 16.59 -5.97
N LEU B 146 19.71 17.72 -5.27
CA LEU B 146 18.91 18.91 -5.41
C LEU B 146 18.81 19.44 -6.83
N LYS B 147 19.89 19.38 -7.61
CA LYS B 147 19.88 19.79 -9.02
C LYS B 147 18.90 19.03 -9.90
N LYS B 148 18.42 17.84 -9.47
CA LYS B 148 17.45 17.05 -10.18
C LYS B 148 16.08 17.06 -9.50
N THR B 149 16.06 17.50 -8.22
CA THR B 149 14.87 17.52 -7.36
C THR B 149 13.77 18.43 -7.87
N VAL B 150 12.51 18.04 -7.72
CA VAL B 150 11.39 18.90 -7.99
C VAL B 150 10.45 18.73 -6.80
N LEU B 151 9.48 19.61 -6.54
CA LEU B 151 8.60 19.38 -5.43
C LEU B 151 7.17 19.23 -5.90
N ILE B 152 6.46 18.39 -5.15
CA ILE B 152 5.07 18.09 -5.39
C ILE B 152 4.31 18.63 -4.18
N ASN B 153 3.27 19.43 -4.39
CA ASN B 153 2.53 19.98 -3.27
C ASN B 153 1.12 20.30 -3.70
N THR B 154 0.24 19.46 -3.14
CA THR B 154 -1.19 19.59 -3.31
C THR B 154 -1.74 20.69 -2.43
N ARG B 155 -1.06 20.87 -1.24
CA ARG B 155 -1.55 21.81 -0.20
C ARG B 155 -2.97 21.22 0.06
N ASP B 156 -3.96 21.97 0.49
CA ASP B 156 -5.28 21.26 0.39
C ASP B 156 -6.13 21.13 -0.86
N LYS B 157 -5.42 21.09 -1.98
CA LYS B 157 -6.05 20.94 -3.29
C LYS B 157 -5.86 19.57 -3.93
N PRO B 158 -6.89 18.94 -4.47
CA PRO B 158 -6.79 17.72 -5.25
C PRO B 158 -6.21 17.86 -6.65
N LEU B 159 -5.19 18.69 -6.89
CA LEU B 159 -4.72 18.96 -8.24
C LEU B 159 -3.32 19.53 -8.20
N PHE B 160 -2.21 18.78 -8.36
CA PHE B 160 -0.94 19.48 -8.40
C PHE B 160 -0.35 19.55 -9.80
N HIS B 161 0.75 20.30 -9.89
CA HIS B 161 1.51 20.55 -11.11
C HIS B 161 2.97 20.28 -10.79
N VAL B 162 3.71 19.69 -11.74
CA VAL B 162 5.13 19.45 -11.56
C VAL B 162 5.78 19.76 -12.90
N LEU B 163 7.08 19.92 -12.93
CA LEU B 163 7.81 20.14 -14.17
C LEU B 163 8.71 18.95 -14.35
N VAL B 164 8.55 18.22 -15.46
CA VAL B 164 9.33 17.01 -15.68
C VAL B 164 10.50 17.16 -16.62
N GLY B 165 10.70 18.30 -17.28
CA GLY B 165 11.84 18.49 -18.17
C GLY B 165 11.50 19.37 -19.36
N ASN B 166 12.37 19.50 -20.37
CA ASN B 166 12.02 20.33 -21.52
C ASN B 166 11.89 19.59 -22.84
N GLU B 167 11.58 20.37 -23.85
CA GLU B 167 11.40 19.98 -25.23
C GLU B 167 12.69 19.40 -25.78
N LYS B 168 13.83 19.91 -25.33
CA LYS B 168 15.15 19.47 -25.78
C LYS B 168 15.62 18.13 -25.29
N MET B 169 14.76 17.50 -24.49
CA MET B 169 15.03 16.18 -23.95
C MET B 169 14.29 15.17 -24.80
N SER B 170 14.80 13.94 -24.83
CA SER B 170 14.16 12.88 -25.60
C SER B 170 12.84 12.45 -25.00
N ASP B 171 11.97 11.76 -25.75
CA ASP B 171 10.74 11.23 -25.17
C ASP B 171 10.98 10.11 -24.15
N GLU B 172 12.14 9.44 -24.18
CA GLU B 172 12.49 8.37 -23.23
C GLU B 172 12.87 8.98 -21.89
N GLU B 173 13.39 10.20 -21.93
CA GLU B 173 13.77 10.85 -20.71
C GLU B 173 12.58 11.55 -20.09
N LEU B 174 11.71 12.21 -20.87
CA LEU B 174 10.53 12.83 -20.29
C LEU B 174 9.55 11.84 -19.67
N ALA B 175 9.29 10.68 -20.34
CA ALA B 175 8.39 9.60 -19.86
C ALA B 175 8.83 8.84 -18.63
N GLU B 176 10.14 8.80 -18.47
CA GLU B 176 10.78 8.19 -17.34
C GLU B 176 10.72 9.12 -16.11
N ASN B 177 10.68 10.45 -16.30
CA ASN B 177 10.59 11.42 -15.21
C ASN B 177 9.15 11.50 -14.77
N ILE B 178 8.18 11.44 -15.72
CA ILE B 178 6.75 11.44 -15.38
C ILE B 178 6.47 10.21 -14.53
N GLU B 179 7.20 9.13 -14.82
CA GLU B 179 7.05 7.90 -14.07
C GLU B 179 7.53 8.12 -12.66
N ALA B 180 8.68 8.77 -12.42
CA ALA B 180 9.17 8.98 -11.06
C ALA B 180 8.19 9.68 -10.14
N ILE B 181 7.41 10.58 -10.72
CA ILE B 181 6.36 11.28 -10.01
C ILE B 181 5.23 10.31 -9.70
N LEU B 182 4.73 9.52 -10.67
CA LEU B 182 3.60 8.64 -10.42
C LEU B 182 3.92 7.58 -9.39
N ASN B 183 5.18 7.11 -9.34
CA ASN B 183 5.63 6.12 -8.36
C ASN B 183 5.65 6.74 -6.96
N THR B 184 5.64 8.08 -6.83
CA THR B 184 5.59 8.78 -5.55
C THR B 184 4.17 8.89 -5.03
N VAL B 185 3.26 9.30 -5.93
CA VAL B 185 1.85 9.39 -5.64
C VAL B 185 1.42 8.04 -5.13
N SER B 186 1.74 6.97 -5.86
CA SER B 186 1.33 5.65 -5.48
C SER B 186 2.03 5.08 -4.28
N ARG B 187 3.30 5.36 -3.93
CA ARG B 187 3.85 4.78 -2.70
C ARG B 187 3.47 5.53 -1.44
N LYS B 188 2.54 6.48 -1.58
CA LYS B 188 2.10 7.34 -0.48
C LYS B 188 0.75 6.91 0.07
N TYR B 189 -0.12 6.44 -0.82
CA TYR B 189 -1.45 6.07 -0.42
C TYR B 189 -1.66 4.56 -0.50
N GLU B 190 -2.45 4.07 0.45
CA GLU B 190 -2.77 2.66 0.59
C GLU B 190 -3.33 2.00 -0.65
N LYS B 191 -3.92 2.78 -1.54
CA LYS B 191 -4.47 2.19 -2.73
C LYS B 191 -3.82 2.71 -4.00
N GLY B 192 -2.60 3.22 -3.85
CA GLY B 192 -1.76 3.68 -4.95
C GLY B 192 -2.40 4.72 -5.87
N LEU B 193 -2.26 4.49 -7.17
CA LEU B 193 -2.80 5.41 -8.16
C LEU B 193 -4.31 5.34 -8.33
N TYR B 194 -5.04 4.74 -7.38
CA TYR B 194 -6.49 4.73 -7.39
C TYR B 194 -7.01 6.16 -7.25
N HIS B 195 -6.25 6.97 -6.50
CA HIS B 195 -6.53 8.39 -6.30
C HIS B 195 -6.13 9.24 -7.48
N VAL B 196 -5.55 8.73 -8.58
CA VAL B 196 -5.23 9.57 -9.71
C VAL B 196 -6.49 9.58 -10.56
N LYS B 197 -7.35 10.58 -10.35
CA LYS B 197 -8.55 10.75 -11.16
C LYS B 197 -8.17 10.95 -12.62
N SER B 198 -7.51 12.04 -13.04
CA SER B 198 -7.01 12.16 -14.41
C SER B 198 -5.62 12.78 -14.43
N ALA B 199 -4.79 12.53 -15.45
CA ALA B 199 -3.45 13.13 -15.51
C ALA B 199 -3.19 13.65 -16.93
N TYR B 200 -2.46 14.76 -17.07
CA TYR B 200 -2.21 15.34 -18.37
C TYR B 200 -0.79 15.80 -18.48
N THR B 201 -0.22 15.83 -19.69
CA THR B 201 1.10 16.40 -19.88
C THR B 201 0.87 17.57 -20.82
N LYS B 202 1.56 18.68 -20.63
CA LYS B 202 1.33 19.87 -21.42
C LYS B 202 2.65 20.59 -21.72
N LEU B 203 2.87 21.13 -22.91
CA LEU B 203 4.09 21.93 -23.17
C LEU B 203 3.77 23.38 -22.68
N THR B 204 4.71 24.33 -22.65
CA THR B 204 4.43 25.68 -22.12
C THR B 204 3.33 26.38 -22.90
N MET B 205 3.45 26.42 -24.23
CA MET B 205 2.47 27.05 -25.12
C MET B 205 1.55 26.01 -25.74
N GLY B 206 1.86 24.71 -25.59
CA GLY B 206 1.08 23.66 -26.21
C GLY B 206 -0.18 23.28 -25.46
N PRO B 207 -1.04 22.45 -26.07
CA PRO B 207 -2.18 21.83 -25.42
C PRO B 207 -1.74 20.68 -24.52
N PRO B 208 -2.61 20.25 -23.62
CA PRO B 208 -2.53 18.96 -22.93
C PRO B 208 -2.98 17.71 -23.67
N ALA B 209 -2.14 16.68 -23.56
CA ALA B 209 -2.41 15.36 -24.07
C ALA B 209 -2.63 14.52 -22.82
N GLN B 210 -3.72 13.76 -22.67
CA GLN B 210 -3.93 12.97 -21.46
C GLN B 210 -3.16 11.67 -21.43
N ILE B 211 -2.82 11.27 -20.20
CA ILE B 211 -2.18 9.99 -19.91
C ILE B 211 -3.35 9.12 -19.53
N GLU B 212 -3.59 8.04 -20.28
CA GLU B 212 -4.76 7.23 -19.99
C GLU B 212 -4.57 5.99 -19.16
N LYS B 213 -5.78 5.58 -18.74
CA LYS B 213 -6.09 4.44 -17.90
C LYS B 213 -5.52 4.48 -16.50
#